data_5P9K
#
_entry.id   5P9K
#
_cell.length_a   71.791
_cell.length_b   104.107
_cell.length_c   38.098
_cell.angle_alpha   90.000
_cell.angle_beta   90.000
_cell.angle_gamma   90.000
#
_symmetry.space_group_name_H-M   'P 21 21 2'
#
loop_
_entity.id
_entity.type
_entity.pdbx_description
1 polymer 'Tyrosine-protein kinase BTK'
2 non-polymer 4-[4-[[5-fluoranyl-4-[[3-(propanoylamino)phenyl]amino]pyrimidin-2-yl]amino]phenoxy]-~{N}-methyl-pyridine-2-carboxamide
3 water water
#
_entity_poly.entity_id   1
_entity_poly.type   'polypeptide(L)'
_entity_poly.pdbx_seq_one_letter_code
;GKNAPSTAGLGYGSWEIDPKDLTFLKELGTGQFGVVKYGKWRGQYDVAIKMIKEGSMSEDEFIEEAKVMMNLSHEKLVQL
YGVCTKQRPIFIITEYMANGCLLNYLREMRHRFQTQQLLEMCKDVCEAMEYLESKQFLHRDLAARNCLVNDQGVVKVSDF
GLSRYVLDDEYTSSVGSKFPVRWSPPEVLMYSKFSSKSDIWAFGVLMWEIYSLGKMPYERFTNSETAEHIAQGLRLYRPH
LASEKVYTIMYSCWHEKADERPTFKILLSNILDVMDEES
;
_entity_poly.pdbx_strand_id   A
#
loop_
_chem_comp.id
_chem_comp.type
_chem_comp.name
_chem_comp.formula
7G8 non-polymer 4-[4-[[5-fluoranyl-4-[[3-(propanoylamino)phenyl]amino]pyrimidin-2-yl]amino]phenoxy]-~{N}-methyl-pyridine-2-carboxamide 'C26 H24 F N7 O3'
#
# COMPACT_ATOMS: atom_id res chain seq x y z
N GLY A 9 -3.98 -5.87 30.34
CA GLY A 9 -3.77 -6.08 31.81
C GLY A 9 -2.30 -6.20 32.15
N LEU A 10 -2.03 -6.74 33.33
CA LEU A 10 -0.68 -6.89 33.84
C LEU A 10 0.19 -7.64 32.83
N GLY A 11 1.37 -7.10 32.54
CA GLY A 11 2.31 -7.76 31.65
C GLY A 11 2.20 -7.32 30.19
N TYR A 12 1.23 -6.43 29.90
CA TYR A 12 1.00 -5.95 28.54
C TYR A 12 0.93 -4.42 28.45
N GLY A 13 1.74 -3.84 27.57
CA GLY A 13 1.66 -2.42 27.28
C GLY A 13 0.49 -2.10 26.35
N SER A 14 0.28 -0.83 26.06
CA SER A 14 -0.87 -0.40 25.26
C SER A 14 -0.80 -0.93 23.82
N TRP A 15 0.39 -1.30 23.38
CA TRP A 15 0.61 -1.74 22.02
C TRP A 15 0.59 -3.27 21.94
N GLU A 16 0.40 -3.91 23.08
CA GLU A 16 0.50 -5.37 23.19
C GLU A 16 -0.84 -6.03 23.40
N ILE A 17 -1.12 -7.03 22.56
CA ILE A 17 -2.33 -7.82 22.67
C ILE A 17 -1.98 -9.17 23.28
N ASP A 18 -2.85 -9.67 24.15
CA ASP A 18 -2.67 -10.99 24.73
C ASP A 18 -3.14 -11.99 23.68
N PRO A 19 -2.23 -12.85 23.20
CA PRO A 19 -2.59 -13.82 22.17
C PRO A 19 -3.67 -14.79 22.64
N LYS A 20 -3.84 -14.94 23.95
CA LYS A 20 -4.87 -15.84 24.46
C LYS A 20 -6.27 -15.31 24.17
N ASP A 21 -6.36 -14.05 23.77
CA ASP A 21 -7.64 -13.41 23.44
C ASP A 21 -8.05 -13.68 21.98
N LEU A 22 -7.20 -14.37 21.24
CA LEU A 22 -7.44 -14.64 19.83
C LEU A 22 -8.08 -16.01 19.62
N THR A 23 -9.06 -16.04 18.74
CA THR A 23 -9.62 -17.27 18.21
C THR A 23 -9.34 -17.30 16.72
N PHE A 24 -8.62 -18.33 16.26
CA PHE A 24 -8.27 -18.45 14.84
C PHE A 24 -9.38 -19.14 14.06
N LEU A 25 -9.80 -18.56 12.94
CA LEU A 25 -10.96 -19.07 12.21
C LEU A 25 -10.65 -19.57 10.78
N LYS A 26 -9.73 -18.92 10.08
CA LYS A 26 -9.48 -19.24 8.68
C LYS A 26 -8.10 -18.74 8.23
N GLU A 27 -7.42 -19.49 7.38
CA GLU A 27 -6.17 -19.00 6.79
C GLU A 27 -6.47 -18.13 5.59
N LEU A 28 -5.84 -16.95 5.54
CA LEU A 28 -6.08 -16.00 4.46
C LEU A 28 -5.02 -16.04 3.37
N GLY A 29 -3.81 -16.44 3.73
CA GLY A 29 -2.72 -16.43 2.75
C GLY A 29 -1.36 -16.41 3.38
N THR A 30 -0.33 -16.39 2.54
CA THR A 30 1.05 -16.39 2.97
C THR A 30 1.80 -15.34 2.16
N GLY A 31 2.42 -14.39 2.87
CA GLY A 31 3.21 -13.33 2.24
C GLY A 31 4.68 -13.46 2.57
N GLN A 32 5.41 -12.36 2.51
CA GLN A 32 6.86 -12.41 2.70
C GLN A 32 7.25 -12.62 4.16
N PHE A 33 6.30 -12.38 5.08
CA PHE A 33 6.54 -12.57 6.51
C PHE A 33 5.92 -13.85 7.01
N GLY A 34 5.21 -14.55 6.12
CA GLY A 34 4.56 -15.78 6.51
C GLY A 34 3.05 -15.69 6.43
N VAL A 35 2.39 -16.46 7.29
CA VAL A 35 0.96 -16.69 7.17
C VAL A 35 0.13 -15.57 7.79
N VAL A 36 -1.02 -15.31 7.18
CA VAL A 36 -2.00 -14.40 7.74
C VAL A 36 -3.29 -15.15 7.94
N LYS A 37 -3.91 -14.96 9.10
CA LYS A 37 -5.15 -15.64 9.44
C LYS A 37 -6.26 -14.65 9.78
N TYR A 38 -7.49 -15.09 9.59
CA TYR A 38 -8.67 -14.38 10.07
C TYR A 38 -9.06 -15.00 11.40
N GLY A 39 -9.39 -14.15 12.36
CA GLY A 39 -9.89 -14.62 13.65
C GLY A 39 -10.72 -13.58 14.39
N LYS A 40 -11.04 -13.90 15.64
CA LYS A 40 -11.77 -12.99 16.51
C LYS A 40 -10.93 -12.62 17.72
N TRP A 41 -11.09 -11.39 18.20
CA TRP A 41 -10.49 -10.94 19.45
C TRP A 41 -11.58 -10.86 20.50
N ARG A 42 -11.34 -11.50 21.64
CA ARG A 42 -12.31 -11.60 22.74
C ARG A 42 -13.68 -12.03 22.25
N GLY A 43 -13.67 -13.03 21.38
CA GLY A 43 -14.88 -13.72 20.92
C GLY A 43 -15.79 -12.99 19.97
N GLN A 44 -15.50 -11.74 19.68
CA GLN A 44 -16.50 -10.90 19.04
C GLN A 44 -15.98 -10.10 17.87
N TYR A 45 -14.74 -9.61 17.98
CA TYR A 45 -14.25 -8.63 17.02
C TYR A 45 -13.33 -9.22 15.97
N ASP A 46 -13.69 -9.02 14.71
CA ASP A 46 -12.91 -9.53 13.60
C ASP A 46 -11.52 -8.91 13.57
N VAL A 47 -10.52 -9.75 13.36
CA VAL A 47 -9.15 -9.29 13.20
C VAL A 47 -8.42 -10.13 12.17
N ALA A 48 -7.38 -9.54 11.57
CA ALA A 48 -6.39 -10.29 10.84
C ALA A 48 -5.16 -10.47 11.72
N ILE A 49 -4.60 -11.67 11.68
CA ILE A 49 -3.49 -12.04 12.53
C ILE A 49 -2.34 -12.42 11.63
N LYS A 50 -1.31 -11.58 11.61
CA LYS A 50 -0.11 -11.84 10.80
C LYS A 50 0.95 -12.49 11.67
N MET A 51 1.32 -13.72 11.32
CA MET A 51 2.29 -14.49 12.09
C MET A 51 3.68 -14.36 11.45
N ILE A 52 4.51 -13.53 12.06
CA ILE A 52 5.78 -13.09 11.46
C ILE A 52 6.85 -14.16 11.54
N LYS A 53 7.21 -14.69 10.37
CA LYS A 53 8.21 -15.73 10.26
C LYS A 53 9.53 -15.35 10.91
N GLU A 54 10.07 -16.26 11.72
N GLU A 54 10.07 -16.25 11.72
CA GLU A 54 11.35 -16.08 12.36
CA GLU A 54 11.34 -15.99 12.39
C GLU A 54 12.42 -15.63 11.36
C GLU A 54 12.41 -15.62 11.37
N GLY A 55 13.17 -14.58 11.69
CA GLY A 55 14.25 -14.10 10.82
C GLY A 55 13.85 -13.21 9.67
N SER A 56 12.56 -12.93 9.51
CA SER A 56 12.09 -12.14 8.38
C SER A 56 12.02 -10.64 8.71
N MET A 57 11.95 -10.31 9.99
CA MET A 57 11.72 -8.93 10.40
C MET A 57 12.69 -8.45 11.47
N SER A 58 13.05 -7.17 11.39
CA SER A 58 13.78 -6.52 12.47
C SER A 58 12.75 -6.22 13.57
N GLU A 59 12.58 -7.19 14.48
CA GLU A 59 11.40 -7.20 15.34
C GLU A 59 11.42 -6.12 16.42
N ASP A 60 12.57 -5.89 17.04
CA ASP A 60 12.65 -4.86 18.08
C ASP A 60 12.38 -3.48 17.47
N GLU A 61 12.96 -3.19 16.31
CA GLU A 61 12.68 -1.93 15.63
C GLU A 61 11.22 -1.83 15.23
N PHE A 62 10.64 -2.92 14.71
CA PHE A 62 9.22 -2.86 14.37
C PHE A 62 8.34 -2.58 15.60
N ILE A 63 8.63 -3.27 16.70
CA ILE A 63 7.81 -3.11 17.90
C ILE A 63 7.85 -1.67 18.41
N GLU A 64 9.01 -1.04 18.40
CA GLU A 64 9.07 0.36 18.79
C GLU A 64 8.22 1.21 17.83
N GLU A 65 8.30 0.93 16.53
CA GLU A 65 7.54 1.70 15.54
C GLU A 65 6.03 1.43 15.65
N ALA A 66 5.66 0.22 16.05
CA ALA A 66 4.25 -0.12 16.25
C ALA A 66 3.57 0.86 17.21
N LYS A 67 4.32 1.34 18.20
CA LYS A 67 3.79 2.35 19.11
C LYS A 67 3.35 3.61 18.35
N VAL A 68 4.13 4.00 17.35
CA VAL A 68 3.77 5.14 16.50
C VAL A 68 2.60 4.78 15.57
N MET A 69 2.65 3.60 14.99
CA MET A 69 1.61 3.17 14.07
C MET A 69 0.26 3.07 14.78
N MET A 70 0.27 2.72 16.06
CA MET A 70 -0.94 2.61 16.88
C MET A 70 -1.75 3.89 16.84
N ASN A 71 -1.05 5.02 16.78
CA ASN A 71 -1.69 6.34 16.82
C ASN A 71 -2.05 6.90 15.45
N LEU A 72 -1.70 6.18 14.41
CA LEU A 72 -2.21 6.52 13.10
C LEU A 72 -3.64 5.95 13.07
N SER A 73 -4.62 6.83 12.85
CA SER A 73 -6.01 6.45 12.82
C SER A 73 -6.72 7.27 11.75
N HIS A 74 -7.15 6.59 10.70
CA HIS A 74 -7.88 7.21 9.64
C HIS A 74 -8.75 6.13 9.04
N GLU A 75 -9.96 6.48 8.60
CA GLU A 75 -10.89 5.48 8.13
C GLU A 75 -10.38 4.72 6.90
N LYS A 76 -9.43 5.30 6.16
CA LYS A 76 -8.95 4.68 4.92
C LYS A 76 -7.58 4.03 5.11
N LEU A 77 -7.09 4.01 6.36
N LEU A 77 -7.19 3.89 6.37
CA LEU A 77 -5.92 3.22 6.71
CA LEU A 77 -5.94 3.28 6.73
C LEU A 77 -6.38 1.95 7.41
C LEU A 77 -6.26 2.00 7.51
N VAL A 78 -5.78 0.83 7.07
CA VAL A 78 -6.03 -0.41 7.79
C VAL A 78 -5.42 -0.29 9.18
N GLN A 79 -6.28 -0.37 10.19
CA GLN A 79 -5.87 -0.08 11.57
C GLN A 79 -4.99 -1.16 12.18
N LEU A 80 -3.89 -0.74 12.78
CA LEU A 80 -3.08 -1.62 13.63
C LEU A 80 -3.71 -1.65 15.02
N TYR A 81 -4.06 -2.85 15.50
CA TYR A 81 -4.69 -3.00 16.81
C TYR A 81 -3.67 -3.28 17.90
N GLY A 82 -2.56 -3.90 17.54
CA GLY A 82 -1.53 -4.22 18.51
C GLY A 82 -0.64 -5.34 18.02
N VAL A 83 0.33 -5.72 18.85
N VAL A 83 0.28 -5.77 18.89
CA VAL A 83 1.27 -6.79 18.54
CA VAL A 83 1.22 -6.81 18.53
C VAL A 83 1.24 -7.84 19.65
C VAL A 83 1.39 -7.81 19.68
N CYS A 84 1.59 -9.07 19.32
CA CYS A 84 1.83 -10.11 20.32
C CYS A 84 3.30 -10.46 20.25
N THR A 85 4.08 -10.04 21.24
CA THR A 85 5.53 -10.16 21.11
C THR A 85 6.22 -10.94 22.23
N LYS A 86 5.46 -11.62 23.07
CA LYS A 86 6.07 -12.35 24.17
C LYS A 86 6.65 -13.68 23.69
N GLN A 87 6.67 -13.87 22.37
CA GLN A 87 6.68 -15.20 21.80
C GLN A 87 7.43 -15.27 20.48
N ARG A 88 7.40 -16.44 19.86
CA ARG A 88 7.70 -16.54 18.43
C ARG A 88 6.92 -17.67 17.79
N PRO A 89 6.35 -17.41 16.62
CA PRO A 89 6.52 -16.09 16.00
C PRO A 89 5.72 -14.99 16.69
N ILE A 90 6.11 -13.73 16.53
CA ILE A 90 5.29 -12.62 16.99
C ILE A 90 4.12 -12.45 16.04
N PHE A 91 3.03 -11.84 16.53
CA PHE A 91 1.87 -11.58 15.69
C PHE A 91 1.64 -10.07 15.57
N ILE A 92 1.21 -9.66 14.40
CA ILE A 92 0.69 -8.32 14.18
C ILE A 92 -0.81 -8.43 13.99
N ILE A 93 -1.57 -7.70 14.80
CA ILE A 93 -3.02 -7.78 14.77
C ILE A 93 -3.58 -6.53 14.12
N THR A 94 -4.32 -6.70 13.03
CA THR A 94 -4.88 -5.55 12.33
C THR A 94 -6.35 -5.72 12.00
N GLU A 95 -6.93 -4.64 11.50
CA GLU A 95 -8.24 -4.64 10.93
C GLU A 95 -8.37 -5.73 9.86
N TYR A 96 -9.50 -6.41 9.86
CA TYR A 96 -9.82 -7.44 8.90
C TYR A 96 -10.58 -6.83 7.74
N MET A 97 -10.21 -7.23 6.53
CA MET A 97 -10.75 -6.64 5.31
C MET A 97 -11.30 -7.78 4.46
N ALA A 98 -12.61 -7.94 4.48
CA ALA A 98 -13.22 -9.18 4.01
C ALA A 98 -13.00 -9.47 2.53
N ASN A 99 -12.81 -8.43 1.72
CA ASN A 99 -12.71 -8.65 0.28
C ASN A 99 -11.28 -8.69 -0.22
N GLY A 100 -10.32 -8.72 0.71
CA GLY A 100 -8.97 -9.10 0.36
C GLY A 100 -8.12 -8.05 -0.31
N CYS A 101 -7.10 -8.52 -0.98
CA CYS A 101 -6.10 -7.67 -1.58
C CYS A 101 -6.64 -6.94 -2.81
N LEU A 102 -6.37 -5.63 -2.90
CA LEU A 102 -6.89 -4.83 -4.00
C LEU A 102 -6.43 -5.35 -5.36
N LEU A 103 -5.19 -5.80 -5.44
CA LEU A 103 -4.69 -6.28 -6.72
C LEU A 103 -5.56 -7.43 -7.24
N ASN A 104 -5.92 -8.34 -6.35
CA ASN A 104 -6.73 -9.49 -6.75
C ASN A 104 -8.15 -9.08 -7.08
N TYR A 105 -8.67 -8.14 -6.31
CA TYR A 105 -10.02 -7.61 -6.49
C TYR A 105 -10.16 -6.97 -7.88
N LEU A 106 -9.19 -6.15 -8.26
CA LEU A 106 -9.19 -5.48 -9.54
C LEU A 106 -9.22 -6.48 -10.68
N ARG A 107 -8.52 -7.59 -10.49
CA ARG A 107 -8.36 -8.60 -11.54
C ARG A 107 -9.59 -9.49 -11.71
N GLU A 108 -10.53 -9.43 -10.78
CA GLU A 108 -11.76 -10.22 -10.90
C GLU A 108 -12.72 -9.49 -11.84
N MET A 109 -12.83 -9.98 -13.06
CA MET A 109 -13.63 -9.28 -14.05
C MET A 109 -15.13 -9.32 -13.77
N ARG A 110 -15.58 -10.26 -12.94
CA ARG A 110 -16.99 -10.33 -12.61
C ARG A 110 -17.52 -9.01 -12.05
N HIS A 111 -16.67 -8.23 -11.37
CA HIS A 111 -17.15 -7.00 -10.74
C HIS A 111 -17.70 -6.00 -11.75
N ARG A 112 -17.20 -6.02 -12.98
CA ARG A 112 -17.69 -5.14 -14.05
C ARG A 112 -17.73 -3.70 -13.55
N PHE A 113 -16.60 -3.24 -13.04
CA PHE A 113 -16.54 -1.94 -12.39
C PHE A 113 -16.92 -0.81 -13.33
N GLN A 114 -17.66 0.16 -12.80
CA GLN A 114 -17.82 1.43 -13.48
C GLN A 114 -16.61 2.30 -13.17
N THR A 115 -16.29 3.24 -14.07
CA THR A 115 -15.16 4.11 -13.79
C THR A 115 -15.35 4.97 -12.53
N GLN A 116 -16.59 5.29 -12.16
CA GLN A 116 -16.82 6.02 -10.90
C GLN A 116 -16.34 5.21 -9.71
N GLN A 117 -16.51 3.89 -9.78
CA GLN A 117 -16.03 3.03 -8.70
C GLN A 117 -14.50 3.04 -8.65
N LEU A 118 -13.86 3.02 -9.80
CA LEU A 118 -12.40 3.04 -9.87
C LEU A 118 -11.89 4.36 -9.28
N LEU A 119 -12.54 5.47 -9.62
CA LEU A 119 -12.11 6.76 -9.10
C LEU A 119 -12.30 6.83 -7.59
N GLU A 120 -13.37 6.25 -7.09
CA GLU A 120 -13.58 6.17 -5.64
C GLU A 120 -12.47 5.39 -4.94
N MET A 121 -12.01 4.30 -5.56
CA MET A 121 -10.88 3.57 -4.99
C MET A 121 -9.66 4.47 -4.90
N CYS A 122 -9.41 5.23 -5.96
CA CYS A 122 -8.28 6.17 -5.95
C CYS A 122 -8.45 7.20 -4.84
N LYS A 123 -9.67 7.71 -4.67
CA LYS A 123 -9.91 8.68 -3.61
C LYS A 123 -9.70 8.09 -2.23
N ASP A 124 -10.15 6.85 -2.01
CA ASP A 124 -9.92 6.17 -0.73
C ASP A 124 -8.44 6.18 -0.40
N VAL A 125 -7.63 5.72 -1.33
CA VAL A 125 -6.19 5.66 -1.12
C VAL A 125 -5.60 7.07 -0.94
N CYS A 126 -6.05 8.02 -1.74
CA CYS A 126 -5.52 9.38 -1.63
C CYS A 126 -5.83 10.00 -0.27
N GLU A 127 -7.01 9.73 0.30
CA GLU A 127 -7.34 10.24 1.62
C GLU A 127 -6.41 9.64 2.68
N ALA A 128 -6.12 8.34 2.58
CA ALA A 128 -5.22 7.70 3.52
C ALA A 128 -3.84 8.33 3.44
N MET A 129 -3.40 8.57 2.20
CA MET A 129 -2.05 9.07 1.95
C MET A 129 -1.96 10.54 2.38
N GLU A 130 -3.02 11.31 2.16
CA GLU A 130 -3.05 12.71 2.64
C GLU A 130 -2.91 12.73 4.15
N TYR A 131 -3.57 11.82 4.83
CA TYR A 131 -3.42 11.69 6.27
C TYR A 131 -1.99 11.36 6.66
N LEU A 132 -1.40 10.33 6.05
CA LEU A 132 -0.03 9.98 6.37
C LEU A 132 0.89 11.16 6.11
N GLU A 133 0.69 11.86 5.01
CA GLU A 133 1.53 12.99 4.66
C GLU A 133 1.40 14.08 5.73
N SER A 134 0.19 14.28 6.26
CA SER A 134 -0.02 15.28 7.31
C SER A 134 0.71 14.91 8.59
N LYS A 135 1.09 13.65 8.72
CA LYS A 135 1.81 13.17 9.89
C LYS A 135 3.29 12.94 9.54
N GLN A 136 3.70 13.41 8.36
CA GLN A 136 5.07 13.22 7.86
C GLN A 136 5.51 11.75 7.90
N PHE A 137 4.55 10.86 7.62
CA PHE A 137 4.81 9.42 7.62
C PHE A 137 4.79 8.89 6.19
N LEU A 138 5.88 8.30 5.74
CA LEU A 138 5.94 7.75 4.39
C LEU A 138 5.44 6.32 4.35
N HIS A 139 4.73 5.96 3.29
CA HIS A 139 4.38 4.57 3.12
C HIS A 139 5.62 3.75 2.78
N ARG A 140 6.34 4.21 1.78
CA ARG A 140 7.59 3.59 1.27
C ARG A 140 7.41 2.36 0.37
N ASP A 141 6.20 1.81 0.26
CA ASP A 141 5.93 0.74 -0.71
C ASP A 141 4.47 0.75 -1.14
N LEU A 142 3.99 1.91 -1.54
CA LEU A 142 2.61 2.01 -1.95
C LEU A 142 2.41 1.31 -3.31
N ALA A 143 1.39 0.49 -3.39
CA ALA A 143 1.08 -0.29 -4.59
C ALA A 143 -0.24 -1.00 -4.33
N ALA A 144 -0.89 -1.49 -5.37
CA ALA A 144 -2.20 -2.16 -5.19
C ALA A 144 -2.09 -3.39 -4.28
N ARG A 145 -0.96 -4.08 -4.36
N ARG A 145 -0.97 -4.09 -4.36
CA ARG A 145 -0.72 -5.26 -3.55
CA ARG A 145 -0.76 -5.28 -3.54
C ARG A 145 -0.64 -4.95 -2.06
C ARG A 145 -0.73 -4.95 -2.05
N ASN A 146 -0.56 -3.67 -1.70
CA ASN A 146 -0.54 -3.25 -0.30
C ASN A 146 -1.79 -2.50 0.12
N CYS A 147 -2.85 -2.64 -0.66
CA CYS A 147 -4.16 -2.11 -0.31
C CYS A 147 -5.11 -3.28 -0.16
N LEU A 148 -6.11 -3.09 0.69
CA LEU A 148 -7.10 -4.13 0.99
C LEU A 148 -8.49 -3.55 0.79
N VAL A 149 -9.49 -4.43 0.70
CA VAL A 149 -10.84 -4.03 0.38
C VAL A 149 -11.78 -4.63 1.43
N ASN A 150 -12.66 -3.82 2.00
CA ASN A 150 -13.57 -4.35 3.02
C ASN A 150 -14.89 -4.80 2.41
N ASP A 151 -15.80 -5.28 3.25
CA ASP A 151 -17.05 -5.85 2.77
C ASP A 151 -17.98 -4.82 2.15
N GLN A 152 -17.68 -3.54 2.32
CA GLN A 152 -18.45 -2.46 1.69
C GLN A 152 -17.78 -1.94 0.43
N GLY A 153 -16.69 -2.57 0.02
CA GLY A 153 -15.99 -2.15 -1.18
C GLY A 153 -15.07 -0.96 -0.97
N VAL A 154 -14.86 -0.55 0.27
CA VAL A 154 -13.94 0.53 0.58
C VAL A 154 -12.49 0.03 0.55
N VAL A 155 -11.64 0.77 -0.14
CA VAL A 155 -10.22 0.43 -0.22
C VAL A 155 -9.47 1.13 0.90
N LYS A 156 -8.57 0.41 1.56
CA LYS A 156 -7.74 1.01 2.58
C LYS A 156 -6.28 0.64 2.36
N VAL A 157 -5.41 1.52 2.80
CA VAL A 157 -3.97 1.33 2.67
C VAL A 157 -3.42 0.54 3.85
N SER A 158 -2.57 -0.44 3.54
N SER A 158 -2.67 -0.51 3.56
CA SER A 158 -2.07 -1.39 4.50
CA SER A 158 -2.07 -1.35 4.60
C SER A 158 -0.53 -1.37 4.53
C SER A 158 -0.55 -1.33 4.57
N ASP A 159 0.03 -1.81 5.65
CA ASP A 159 1.49 -2.06 5.75
C ASP A 159 2.34 -0.83 5.51
N PHE A 160 1.79 0.32 5.86
CA PHE A 160 2.51 1.58 5.72
C PHE A 160 3.78 1.55 6.58
N GLY A 161 4.92 1.82 5.94
CA GLY A 161 6.19 1.89 6.62
C GLY A 161 6.88 0.57 6.90
N LEU A 162 6.18 -0.54 6.65
N LEU A 162 6.17 -0.52 6.63
CA LEU A 162 6.67 -1.85 7.09
CA LEU A 162 6.62 -1.85 7.06
C LEU A 162 7.93 -2.32 6.38
C LEU A 162 7.90 -2.33 6.37
N SER A 163 8.18 -1.83 5.18
CA SER A 163 9.35 -2.26 4.43
C SER A 163 10.67 -1.94 5.14
N ARG A 164 10.64 -0.98 6.06
CA ARG A 164 11.83 -0.59 6.82
C ARG A 164 12.34 -1.72 7.70
N TYR A 165 11.52 -2.74 7.96
CA TYR A 165 11.87 -3.76 8.95
C TYR A 165 12.09 -5.11 8.29
N VAL A 166 12.14 -5.14 6.97
CA VAL A 166 12.37 -6.39 6.24
C VAL A 166 13.85 -6.72 6.21
N LEU A 167 14.20 -7.94 6.61
CA LEU A 167 15.61 -8.35 6.70
C LEU A 167 16.16 -8.95 5.40
N ASP A 168 15.29 -9.43 4.53
CA ASP A 168 15.71 -10.00 3.24
C ASP A 168 16.13 -8.89 2.28
N ASP A 169 17.44 -8.76 2.05
CA ASP A 169 17.99 -7.65 1.28
C ASP A 169 17.56 -7.65 -0.19
N GLU A 170 16.94 -8.73 -0.66
CA GLU A 170 16.40 -8.75 -2.02
C GLU A 170 15.29 -7.72 -2.16
N TYR A 171 14.66 -7.39 -1.03
CA TYR A 171 13.54 -6.46 -1.02
C TYR A 171 13.96 -5.02 -0.72
N THR A 172 15.15 -4.82 -0.17
CA THR A 172 15.44 -3.57 0.56
C THR A 172 16.20 -2.49 -0.20
N SER A 173 16.74 -2.81 -1.37
CA SER A 173 17.37 -1.77 -2.19
C SER A 173 17.22 -2.05 -3.68
N SER A 174 17.49 -1.04 -4.49
N SER A 174 17.51 -1.03 -4.48
CA SER A 174 17.38 -1.18 -5.94
CA SER A 174 17.42 -1.13 -5.94
C SER A 174 18.37 -2.22 -6.44
C SER A 174 18.42 -2.14 -6.45
N VAL A 175 19.25 -2.65 -5.54
CA VAL A 175 20.23 -3.68 -5.87
C VAL A 175 19.56 -5.03 -5.72
N GLY A 176 18.35 -5.02 -5.16
CA GLY A 176 17.65 -6.25 -4.82
C GLY A 176 16.69 -6.73 -5.89
N SER A 177 16.53 -8.05 -5.98
CA SER A 177 15.75 -8.68 -7.03
C SER A 177 14.24 -8.60 -6.79
N LYS A 178 13.82 -8.13 -5.61
CA LYS A 178 12.41 -8.02 -5.29
C LYS A 178 12.01 -6.59 -4.85
N PHE A 179 12.84 -5.62 -5.20
CA PHE A 179 12.56 -4.22 -4.91
C PHE A 179 11.45 -3.73 -5.85
N PRO A 180 10.58 -2.82 -5.38
CA PRO A 180 9.47 -2.32 -6.21
C PRO A 180 9.88 -1.27 -7.25
N VAL A 181 10.73 -1.70 -8.15
CA VAL A 181 11.22 -0.89 -9.24
C VAL A 181 10.06 -0.21 -9.98
N ARG A 182 8.99 -0.94 -10.26
CA ARG A 182 7.93 -0.42 -11.13
C ARG A 182 7.09 0.65 -10.45
N TRP A 183 7.29 0.87 -9.14
CA TRP A 183 6.59 1.90 -8.39
C TRP A 183 7.54 2.99 -7.89
N SER A 184 8.74 3.07 -8.46
CA SER A 184 9.82 3.95 -7.97
C SER A 184 10.19 5.06 -8.93
N PRO A 185 10.32 6.29 -8.42
CA PRO A 185 10.73 7.39 -9.27
C PRO A 185 12.22 7.34 -9.61
N PRO A 186 12.62 8.14 -10.62
CA PRO A 186 14.03 8.08 -11.04
C PRO A 186 15.02 8.34 -9.90
N GLU A 187 14.73 9.27 -9.02
CA GLU A 187 15.68 9.59 -7.95
C GLU A 187 15.83 8.45 -6.95
N VAL A 188 14.81 7.59 -6.81
CA VAL A 188 14.97 6.40 -5.99
C VAL A 188 15.83 5.38 -6.72
N LEU A 189 15.52 5.10 -7.97
CA LEU A 189 16.31 4.12 -8.72
C LEU A 189 17.77 4.52 -8.89
N MET A 190 18.02 5.81 -9.07
CA MET A 190 19.37 6.30 -9.34
C MET A 190 20.18 6.53 -8.06
N TYR A 191 19.55 7.04 -7.01
CA TYR A 191 20.25 7.57 -5.85
C TYR A 191 19.71 7.16 -4.49
N SER A 192 18.64 6.36 -4.47
CA SER A 192 17.96 5.98 -3.23
C SER A 192 17.42 7.19 -2.46
N LYS A 193 16.90 8.17 -3.18
CA LYS A 193 16.34 9.34 -2.53
C LYS A 193 14.84 9.17 -2.29
N PHE A 194 14.47 8.73 -1.11
CA PHE A 194 13.09 8.57 -0.70
C PHE A 194 12.55 9.86 -0.10
N SER A 195 11.29 10.17 -0.38
CA SER A 195 10.67 11.39 0.14
C SER A 195 9.16 11.28 -0.03
N SER A 196 8.44 12.29 0.43
CA SER A 196 7.02 12.37 0.14
C SER A 196 6.78 12.15 -1.34
N LYS A 197 7.66 12.67 -2.17
CA LYS A 197 7.48 12.64 -3.61
C LYS A 197 7.72 11.26 -4.22
N SER A 198 8.37 10.35 -3.49
CA SER A 198 8.44 8.99 -3.99
C SER A 198 7.15 8.25 -3.68
N ASP A 199 6.47 8.61 -2.59
CA ASP A 199 5.12 8.11 -2.35
C ASP A 199 4.15 8.66 -3.42
N ILE A 200 4.32 9.92 -3.81
CA ILE A 200 3.45 10.52 -4.80
C ILE A 200 3.60 9.73 -6.11
N TRP A 201 4.85 9.47 -6.51
CA TRP A 201 5.09 8.72 -7.74
C TRP A 201 4.37 7.35 -7.69
N ALA A 202 4.55 6.66 -6.58
CA ALA A 202 3.96 5.34 -6.40
C ALA A 202 2.43 5.42 -6.47
N PHE A 203 1.84 6.46 -5.91
CA PHE A 203 0.41 6.65 -5.98
C PHE A 203 -0.06 6.79 -7.42
N GLY A 204 0.67 7.50 -8.26
CA GLY A 204 0.31 7.60 -9.66
C GLY A 204 0.32 6.23 -10.32
N VAL A 205 1.33 5.41 -10.01
CA VAL A 205 1.35 4.08 -10.54
C VAL A 205 0.16 3.25 -10.03
N LEU A 206 -0.19 3.40 -8.75
N LEU A 206 -0.18 3.42 -8.76
CA LEU A 206 -1.39 2.73 -8.21
CA LEU A 206 -1.35 2.76 -8.17
C LEU A 206 -2.65 3.15 -8.96
C LEU A 206 -2.65 3.16 -8.89
N MET A 207 -2.79 4.44 -9.24
CA MET A 207 -3.93 4.86 -10.03
C MET A 207 -3.95 4.13 -11.36
N TRP A 208 -2.78 4.01 -11.97
CA TRP A 208 -2.67 3.28 -13.22
C TRP A 208 -3.09 1.81 -13.03
N GLU A 209 -2.69 1.20 -11.92
CA GLU A 209 -3.05 -0.19 -11.66
C GLU A 209 -4.58 -0.34 -11.55
N ILE A 210 -5.21 0.62 -10.86
CA ILE A 210 -6.65 0.59 -10.65
C ILE A 210 -7.36 0.71 -12.01
N TYR A 211 -6.98 1.71 -12.79
CA TYR A 211 -7.65 1.93 -14.07
C TYR A 211 -7.32 0.88 -15.11
N SER A 212 -6.25 0.13 -14.89
N SER A 212 -6.26 0.11 -14.89
CA SER A 212 -5.89 -0.98 -15.75
CA SER A 212 -5.91 -0.99 -15.78
C SER A 212 -6.43 -2.32 -15.27
C SER A 212 -6.42 -2.33 -15.26
N LEU A 213 -7.27 -2.30 -14.24
CA LEU A 213 -7.86 -3.52 -13.68
C LEU A 213 -6.77 -4.50 -13.27
N GLY A 214 -5.70 -3.98 -12.68
CA GLY A 214 -4.69 -4.81 -12.05
C GLY A 214 -3.61 -5.36 -12.95
N LYS A 215 -3.44 -4.81 -14.14
CA LYS A 215 -2.28 -5.16 -14.96
C LYS A 215 -1.00 -4.79 -14.22
N MET A 216 0.06 -5.57 -14.44
N MET A 216 0.06 -5.54 -14.51
CA MET A 216 1.39 -5.17 -13.94
CA MET A 216 1.41 -5.19 -14.08
C MET A 216 1.88 -3.97 -14.73
C MET A 216 1.89 -3.92 -14.80
N PRO A 217 2.34 -2.92 -14.02
CA PRO A 217 2.90 -1.77 -14.71
C PRO A 217 4.11 -2.19 -15.57
N TYR A 218 4.21 -1.62 -16.76
CA TYR A 218 5.30 -1.95 -17.70
C TYR A 218 5.34 -3.46 -17.96
N GLU A 219 4.17 -4.02 -18.28
CA GLU A 219 3.97 -5.46 -18.24
C GLU A 219 4.86 -6.26 -19.16
N ARG A 220 5.32 -5.64 -20.25
CA ARG A 220 6.19 -6.35 -21.19
C ARG A 220 7.69 -6.17 -20.90
N PHE A 221 8.03 -5.40 -19.86
CA PHE A 221 9.42 -5.12 -19.52
C PHE A 221 9.84 -5.86 -18.28
N THR A 222 11.15 -6.10 -18.17
CA THR A 222 11.73 -6.52 -16.92
C THR A 222 11.90 -5.29 -16.02
N ASN A 223 12.25 -5.54 -14.77
CA ASN A 223 12.57 -4.44 -13.85
C ASN A 223 13.72 -3.59 -14.39
N SER A 224 14.75 -4.26 -14.89
N SER A 224 14.76 -4.23 -14.90
N SER A 224 14.76 -4.25 -14.90
CA SER A 224 15.91 -3.57 -15.44
CA SER A 224 15.90 -3.47 -15.38
CA SER A 224 15.91 -3.52 -15.42
C SER A 224 15.49 -2.63 -16.56
C SER A 224 15.54 -2.63 -16.62
C SER A 224 15.50 -2.62 -16.58
N GLU A 225 14.68 -3.16 -17.48
CA GLU A 225 14.23 -2.41 -18.63
C GLU A 225 13.33 -1.25 -18.19
N THR A 226 12.55 -1.48 -17.14
CA THR A 226 11.69 -0.43 -16.62
C THR A 226 12.53 0.74 -16.08
N ALA A 227 13.56 0.42 -15.31
CA ALA A 227 14.41 1.45 -14.76
C ALA A 227 15.04 2.28 -15.86
N GLU A 228 15.50 1.62 -16.92
N GLU A 228 15.46 1.64 -16.94
CA GLU A 228 16.03 2.30 -18.10
CA GLU A 228 16.04 2.34 -18.09
C GLU A 228 14.96 3.25 -18.68
C GLU A 228 15.01 3.20 -18.84
N HIS A 229 13.80 2.69 -18.97
CA HIS A 229 12.68 3.42 -19.58
C HIS A 229 12.41 4.71 -18.82
N ILE A 230 12.26 4.58 -17.52
CA ILE A 230 11.91 5.69 -16.65
C ILE A 230 12.99 6.73 -16.57
N ALA A 231 14.23 6.28 -16.53
CA ALA A 231 15.34 7.19 -16.36
C ALA A 231 15.58 7.94 -17.66
N GLN A 232 15.07 7.41 -18.78
CA GLN A 232 15.13 8.08 -20.09
C GLN A 232 13.92 9.00 -20.29
N GLY A 233 13.09 9.11 -19.26
CA GLY A 233 12.01 10.07 -19.25
C GLY A 233 10.70 9.52 -19.79
N LEU A 234 10.68 8.24 -20.14
CA LEU A 234 9.47 7.63 -20.67
C LEU A 234 8.58 7.15 -19.52
N ARG A 235 7.32 6.91 -19.84
CA ARG A 235 6.30 6.73 -18.82
C ARG A 235 5.28 5.67 -19.21
N LEU A 236 4.51 5.22 -18.23
CA LEU A 236 3.28 4.50 -18.50
C LEU A 236 2.40 5.39 -19.35
N TYR A 237 1.46 4.79 -20.06
CA TYR A 237 0.52 5.59 -20.82
C TYR A 237 -0.92 5.28 -20.41
N ARG A 238 -1.87 5.98 -21.00
CA ARG A 238 -3.22 6.03 -20.49
C ARG A 238 -3.97 4.70 -20.56
N PRO A 239 -4.45 4.20 -19.42
CA PRO A 239 -5.32 3.04 -19.46
C PRO A 239 -6.61 3.37 -20.19
N HIS A 240 -7.16 2.37 -20.86
CA HIS A 240 -8.35 2.54 -21.65
C HIS A 240 -9.51 3.12 -20.84
N LEU A 241 -9.63 2.73 -19.57
CA LEU A 241 -10.73 3.20 -18.74
C LEU A 241 -10.53 4.59 -18.12
N ALA A 242 -9.36 5.17 -18.26
CA ALA A 242 -9.09 6.48 -17.69
C ALA A 242 -9.46 7.58 -18.67
N SER A 243 -10.29 8.52 -18.22
CA SER A 243 -10.58 9.70 -19.01
C SER A 243 -9.33 10.55 -19.11
N GLU A 244 -9.32 11.52 -20.00
CA GLU A 244 -8.20 12.44 -20.10
C GLU A 244 -7.93 13.12 -18.75
N LYS A 245 -8.98 13.52 -18.06
CA LYS A 245 -8.78 14.21 -16.78
C LYS A 245 -8.15 13.31 -15.72
N VAL A 246 -8.57 12.04 -15.68
CA VAL A 246 -7.98 11.10 -14.75
C VAL A 246 -6.52 10.84 -15.11
N TYR A 247 -6.23 10.69 -16.40
CA TYR A 247 -4.86 10.45 -16.84
C TYR A 247 -3.96 11.63 -16.47
N THR A 248 -4.48 12.85 -16.59
CA THR A 248 -3.69 14.03 -16.21
C THR A 248 -3.30 13.93 -14.73
N ILE A 249 -4.20 13.48 -13.87
CA ILE A 249 -3.87 13.35 -12.47
C ILE A 249 -2.77 12.31 -12.23
N MET A 250 -2.93 11.11 -12.77
CA MET A 250 -1.88 10.09 -12.52
C MET A 250 -0.55 10.53 -13.14
N TYR A 251 -0.59 11.14 -14.33
CA TYR A 251 0.62 11.54 -15.02
C TYR A 251 1.35 12.64 -14.24
N SER A 252 0.62 13.49 -13.55
CA SER A 252 1.22 14.58 -12.77
C SER A 252 2.12 14.01 -11.66
N CYS A 253 1.85 12.77 -11.25
CA CYS A 253 2.67 12.14 -10.22
C CYS A 253 4.04 11.70 -10.69
N TRP A 254 4.28 11.81 -12.00
CA TRP A 254 5.49 11.25 -12.61
C TRP A 254 6.45 12.30 -13.18
N HIS A 255 6.32 13.54 -12.73
CA HIS A 255 7.28 14.55 -13.16
C HIS A 255 8.69 14.09 -12.83
N GLU A 256 9.63 14.30 -13.76
CA GLU A 256 11.01 13.91 -13.53
C GLU A 256 11.55 14.64 -12.30
N LYS A 257 11.17 15.90 -12.12
CA LYS A 257 11.59 16.67 -10.96
C LYS A 257 10.62 16.46 -9.81
N ALA A 258 11.12 15.90 -8.72
CA ALA A 258 10.29 15.52 -7.62
C ALA A 258 9.49 16.71 -7.11
N ASP A 259 10.12 17.87 -7.03
CA ASP A 259 9.46 19.03 -6.45
C ASP A 259 8.32 19.56 -7.32
N GLU A 260 8.21 19.09 -8.57
CA GLU A 260 7.11 19.50 -9.43
C GLU A 260 5.90 18.55 -9.32
N ARG A 261 6.05 17.48 -8.55
CA ARG A 261 4.93 16.58 -8.29
C ARG A 261 4.02 17.18 -7.25
N PRO A 262 2.72 16.90 -7.35
CA PRO A 262 1.79 17.44 -6.37
C PRO A 262 1.95 16.82 -4.99
N THR A 263 1.28 17.41 -4.02
CA THR A 263 1.06 16.81 -2.72
C THR A 263 -0.21 15.94 -2.76
N PHE A 264 -0.39 15.13 -1.73
CA PHE A 264 -1.62 14.34 -1.64
C PHE A 264 -2.85 15.22 -1.44
N LYS A 265 -2.70 16.35 -0.77
CA LYS A 265 -3.81 17.28 -0.60
C LYS A 265 -4.24 17.81 -1.97
N ILE A 266 -3.29 18.15 -2.83
CA ILE A 266 -3.60 18.63 -4.16
C ILE A 266 -4.22 17.53 -5.00
N LEU A 267 -3.64 16.32 -4.94
CA LEU A 267 -4.22 15.19 -5.66
C LEU A 267 -5.66 14.94 -5.23
N LEU A 268 -5.93 15.06 -3.93
CA LEU A 268 -7.30 14.81 -3.45
C LEU A 268 -8.26 15.83 -4.05
N SER A 269 -7.84 17.09 -4.08
N SER A 269 -7.83 17.08 -4.06
CA SER A 269 -8.68 18.13 -4.65
CA SER A 269 -8.61 18.16 -4.65
C SER A 269 -8.92 17.86 -6.13
C SER A 269 -8.90 17.87 -6.11
N ASN A 270 -7.88 17.43 -6.82
CA ASN A 270 -8.01 17.13 -8.23
C ASN A 270 -8.96 15.95 -8.47
N ILE A 271 -8.90 14.93 -7.64
CA ILE A 271 -9.76 13.76 -7.76
C ILE A 271 -11.21 14.15 -7.47
N LEU A 272 -11.44 14.96 -6.44
CA LEU A 272 -12.80 15.43 -6.14
C LEU A 272 -13.38 16.23 -7.29
N ASP A 273 -12.55 17.06 -7.92
CA ASP A 273 -13.02 17.88 -9.04
C ASP A 273 -13.46 16.98 -10.18
N VAL A 274 -12.66 15.97 -10.49
CA VAL A 274 -13.01 15.07 -11.56
C VAL A 274 -14.27 14.30 -11.20
N MET A 275 -14.39 13.85 -9.97
N MET A 275 -14.38 13.88 -9.95
CA MET A 275 -15.62 13.17 -9.56
CA MET A 275 -15.54 13.16 -9.49
C MET A 275 -16.82 14.04 -9.84
C MET A 275 -16.83 13.99 -9.64
N ASP A 276 -16.72 15.30 -9.43
CA ASP A 276 -17.85 16.20 -9.60
C ASP A 276 -18.19 16.37 -11.07
N GLU A 277 -17.16 16.48 -11.91
N GLU A 277 -17.18 16.49 -11.92
CA GLU A 277 -17.33 16.73 -13.33
CA GLU A 277 -17.42 16.74 -13.34
C GLU A 277 -17.78 15.49 -14.11
C GLU A 277 -17.90 15.48 -14.06
N GLU A 278 -17.47 14.31 -13.57
CA GLU A 278 -17.78 13.04 -14.21
C GLU A 278 -18.98 12.33 -13.62
N SER A 279 -19.54 12.87 -12.55
CA SER A 279 -20.68 12.26 -11.88
C SER A 279 -21.91 12.33 -12.76
C4 7G8 B . -2.65 -10.44 1.40
C5 7G8 B . -3.12 -11.75 1.37
C6 7G8 B . -3.72 -12.31 2.51
C8 7G8 B . -2.22 -10.18 -0.97
C13 7G8 B . -5.26 -8.30 6.23
C20 7G8 B . -8.37 -11.03 3.34
C21 7G8 B . -7.24 -11.49 2.68
C22 7G8 B . -7.36 -12.35 1.57
C24 7G8 B . -9.74 -12.31 1.79
C28 7G8 B . -8.56 -15.57 1.35
O34 7G8 B . -7.64 -17.31 -3.22
C33 7G8 B . -7.75 -17.85 -2.14
N35 7G8 B . -7.66 -19.17 -2.00
C36 7G8 B . -7.43 -20.06 -3.12
C31 7G8 B . -8.03 -17.03 -0.92
N30 7G8 B . -8.08 -17.63 0.29
C29 7G8 B . -8.33 -16.94 1.41
C32 7G8 B . -8.26 -15.66 -1.04
C27 7G8 B . -8.52 -14.92 0.12
O26 7G8 B . -8.74 -13.57 0.04
C23 7G8 B . -8.61 -12.75 1.14
C25 7G8 B . -9.62 -11.45 2.89
N19 7G8 B . -8.36 -10.19 4.43
C16 7G8 B . -7.29 -9.59 5.00
N15 7G8 B . -7.56 -8.70 5.97
C14 7G8 B . -6.58 -8.05 6.60
F18 7G8 B . -4.24 -7.67 6.85
N17 7G8 B . -6.04 -9.87 4.59
C12 7G8 B . -5.00 -9.26 5.15
N11 7G8 B . -3.70 -9.49 4.83
C2 7G8 B . -3.39 -10.26 3.74
C3 7G8 B . -2.82 -9.71 2.58
C1 7G8 B . -3.87 -11.57 3.67
N7 7G8 B . -2.11 -9.80 0.31
O10 7G8 B . -2.81 -11.18 -1.39
C9 7G8 B . -1.51 -9.29 -1.98
C37 7G8 B . -2.39 -8.85 -3.12
#